data_2N0H
#
_entry.id   2N0H
#
_entity_poly.entity_id   1
_entity_poly.type   'polypeptide(L)'
_entity_poly.pdbx_seq_one_letter_code
;GNHWAVGHLM(NH2)
;
_entity_poly.pdbx_strand_id   A
#
# COMPACT_ATOMS: atom_id res chain seq x y z
N GLY A 1 -8.50 2.73 1.14
CA GLY A 1 -8.02 4.03 0.70
C GLY A 1 -7.68 4.07 -0.77
N ASN A 2 -6.55 4.69 -1.09
CA ASN A 2 -6.11 4.80 -2.48
C ASN A 2 -5.23 3.60 -2.87
N HIS A 3 -4.47 3.11 -1.90
CA HIS A 3 -3.59 1.97 -2.14
C HIS A 3 -2.92 1.52 -0.84
N TRP A 4 -3.36 0.37 -0.33
CA TRP A 4 -2.81 -0.18 0.90
C TRP A 4 -1.66 -1.13 0.61
N ALA A 5 -1.70 -1.74 -0.57
CA ALA A 5 -0.66 -2.69 -0.97
C ALA A 5 0.73 -2.06 -0.89
N VAL A 6 0.77 -0.74 -1.01
CA VAL A 6 2.04 -0.01 -0.95
C VAL A 6 2.64 -0.08 0.45
N GLY A 7 1.79 -0.21 1.45
CA GLY A 7 2.26 -0.30 2.83
C GLY A 7 2.82 -1.66 3.16
N HIS A 8 2.40 -2.68 2.42
CA HIS A 8 2.87 -4.04 2.65
C HIS A 8 4.28 -4.22 2.12
N LEU A 9 4.56 -3.65 0.95
CA LEU A 9 5.89 -3.75 0.34
C LEU A 9 6.80 -2.65 0.87
N MET A 10 6.34 -1.41 0.81
CA MET A 10 7.12 -0.27 1.28
C MET A 10 6.60 0.22 2.63
N GLY A 1 -8.21 1.95 0.75
CA GLY A 1 -8.42 3.30 0.26
C GLY A 1 -7.92 3.48 -1.16
N ASN A 2 -6.90 4.31 -1.32
CA ASN A 2 -6.34 4.58 -2.64
C ASN A 2 -5.22 3.59 -2.97
N HIS A 3 -4.55 3.10 -1.93
CA HIS A 3 -3.46 2.15 -2.10
C HIS A 3 -2.97 1.63 -0.75
N TRP A 4 -3.31 0.38 -0.45
CA TRP A 4 -2.90 -0.23 0.81
C TRP A 4 -1.74 -1.19 0.60
N ALA A 5 -1.70 -1.81 -0.58
CA ALA A 5 -0.64 -2.76 -0.90
C ALA A 5 0.73 -2.11 -0.82
N VAL A 6 0.76 -0.79 -1.01
CA VAL A 6 2.01 -0.04 -0.94
C VAL A 6 2.64 -0.13 0.44
N GLY A 7 1.80 -0.19 1.47
CA GLY A 7 2.28 -0.27 2.83
C GLY A 7 2.83 -1.64 3.17
N HIS A 8 2.43 -2.65 2.40
CA HIS A 8 2.90 -4.01 2.62
C HIS A 8 4.31 -4.20 2.08
N LEU A 9 4.66 -3.41 1.07
CA LEU A 9 5.99 -3.49 0.46
C LEU A 9 6.92 -2.45 1.07
N MET A 10 6.38 -1.27 1.36
CA MET A 10 7.16 -0.19 1.95
C MET A 10 7.03 -0.17 3.47
N GLY A 1 -6.50 7.90 -0.07
CA GLY A 1 -6.34 7.16 -1.31
C GLY A 1 -6.73 5.70 -1.17
N ASN A 2 -6.59 4.94 -2.25
CA ASN A 2 -6.94 3.53 -2.25
C ASN A 2 -5.74 2.66 -2.59
N HIS A 3 -4.63 2.88 -1.87
CA HIS A 3 -3.41 2.11 -2.09
C HIS A 3 -2.84 1.59 -0.77
N TRP A 4 -3.31 0.43 -0.36
CA TRP A 4 -2.85 -0.19 0.88
C TRP A 4 -1.71 -1.16 0.63
N ALA A 5 -1.70 -1.74 -0.57
CA ALA A 5 -0.66 -2.69 -0.94
C ALA A 5 0.73 -2.06 -0.86
N VAL A 6 0.77 -0.74 -1.05
CA VAL A 6 2.03 -0.01 -1.00
C VAL A 6 2.65 -0.06 0.39
N GLY A 7 1.79 -0.19 1.40
CA GLY A 7 2.26 -0.25 2.78
C GLY A 7 2.48 -1.67 3.25
N HIS A 8 2.66 -2.59 2.31
CA HIS A 8 2.88 -3.99 2.64
C HIS A 8 4.28 -4.45 2.20
N LEU A 9 4.79 -3.83 1.14
CA LEU A 9 6.11 -4.17 0.62
C LEU A 9 7.12 -3.10 0.99
N MET A 10 6.88 -1.87 0.53
CA MET A 10 7.77 -0.76 0.82
C MET A 10 7.71 -0.37 2.29
N GLY A 1 -8.09 1.08 0.36
CA GLY A 1 -8.34 2.43 -0.12
C GLY A 1 -7.64 2.72 -1.43
N ASN A 2 -7.17 3.95 -1.59
CA ASN A 2 -6.48 4.35 -2.81
C ASN A 2 -5.29 3.45 -3.08
N HIS A 3 -4.65 2.98 -2.01
CA HIS A 3 -3.49 2.11 -2.14
C HIS A 3 -3.02 1.62 -0.76
N TRP A 4 -3.30 0.36 -0.47
CA TRP A 4 -2.91 -0.22 0.81
C TRP A 4 -1.73 -1.16 0.64
N ALA A 5 -1.65 -1.80 -0.52
CA ALA A 5 -0.56 -2.74 -0.81
C ALA A 5 0.79 -2.04 -0.72
N VAL A 6 0.81 -0.74 -0.98
CA VAL A 6 2.04 0.04 -0.94
C VAL A 6 2.69 -0.04 0.44
N GLY A 7 1.86 -0.18 1.48
CA GLY A 7 2.36 -0.27 2.83
C GLY A 7 2.87 -1.66 3.17
N HIS A 8 2.40 -2.65 2.41
CA HIS A 8 2.80 -4.03 2.64
C HIS A 8 4.09 -4.36 1.88
N LEU A 9 4.27 -3.72 0.73
CA LEU A 9 5.46 -3.95 -0.09
C LEU A 9 6.51 -2.89 0.19
N MET A 10 6.10 -1.63 0.19
CA MET A 10 7.02 -0.52 0.44
C MET A 10 6.73 0.12 1.80
N GLY A 1 -6.16 7.76 0.44
CA GLY A 1 -5.29 7.22 -0.59
C GLY A 1 -5.75 5.85 -1.05
N ASN A 2 -5.97 5.71 -2.35
CA ASN A 2 -6.42 4.44 -2.92
C ASN A 2 -5.23 3.51 -3.17
N HIS A 3 -4.61 3.05 -2.09
CA HIS A 3 -3.46 2.16 -2.18
C HIS A 3 -3.03 1.67 -0.81
N TRP A 4 -3.31 0.41 -0.51
CA TRP A 4 -2.95 -0.17 0.77
C TRP A 4 -1.76 -1.13 0.62
N ALA A 5 -1.71 -1.83 -0.51
CA ALA A 5 -0.64 -2.78 -0.77
C ALA A 5 0.72 -2.10 -0.68
N VAL A 6 0.75 -0.79 -0.92
CA VAL A 6 1.99 -0.03 -0.87
C VAL A 6 2.63 -0.14 0.51
N GLY A 7 1.80 -0.19 1.56
CA GLY A 7 2.32 -0.30 2.91
C GLY A 7 2.90 -1.66 3.21
N HIS A 8 2.51 -2.66 2.40
CA HIS A 8 3.00 -4.01 2.59
C HIS A 8 4.26 -4.26 1.76
N LEU A 9 4.28 -3.70 0.56
CA LEU A 9 5.42 -3.86 -0.33
C LEU A 9 6.48 -2.78 -0.06
N MET A 10 6.12 -1.53 -0.32
CA MET A 10 7.03 -0.41 -0.10
C MET A 10 6.96 0.07 1.35
N GLY A 1 -7.14 7.65 -1.51
CA GLY A 1 -6.86 6.93 -2.73
C GLY A 1 -6.77 5.43 -2.52
N ASN A 2 -6.58 4.69 -3.61
CA ASN A 2 -6.48 3.24 -3.53
C ASN A 2 -5.03 2.80 -3.36
N HIS A 3 -4.51 2.94 -2.15
CA HIS A 3 -3.14 2.55 -1.85
C HIS A 3 -3.06 1.79 -0.53
N TRP A 4 -3.18 0.47 -0.60
CA TRP A 4 -3.11 -0.37 0.59
C TRP A 4 -1.88 -1.26 0.55
N ALA A 5 -1.71 -2.01 -0.52
CA ALA A 5 -0.57 -2.91 -0.67
C ALA A 5 0.74 -2.13 -0.62
N VAL A 6 0.68 -0.85 -0.99
CA VAL A 6 1.86 0.00 -0.99
C VAL A 6 2.53 0.01 0.39
N GLY A 7 1.74 -0.25 1.42
CA GLY A 7 2.27 -0.28 2.77
C GLY A 7 2.88 -1.61 3.14
N HIS A 8 2.50 -2.65 2.41
CA HIS A 8 3.02 -4.00 2.66
C HIS A 8 4.35 -4.21 1.96
N LEU A 9 4.44 -3.74 0.71
CA LEU A 9 5.66 -3.88 -0.07
C LEU A 9 6.70 -2.84 0.35
N MET A 10 6.37 -1.57 0.17
CA MET A 10 7.27 -0.48 0.53
C MET A 10 6.82 0.19 1.83
N GLY A 1 -6.18 6.53 1.44
CA GLY A 1 -5.83 6.61 0.03
C GLY A 1 -6.25 5.38 -0.75
N ASN A 2 -6.06 5.42 -2.06
CA ASN A 2 -6.43 4.29 -2.91
C ASN A 2 -5.24 3.37 -3.16
N HIS A 3 -4.52 3.03 -2.08
CA HIS A 3 -3.35 2.16 -2.18
C HIS A 3 -2.95 1.65 -0.80
N TRP A 4 -3.33 0.41 -0.49
CA TRP A 4 -3.01 -0.19 0.79
C TRP A 4 -1.83 -1.16 0.65
N ALA A 5 -1.74 -1.80 -0.50
CA ALA A 5 -0.66 -2.76 -0.76
C ALA A 5 0.70 -2.08 -0.67
N VAL A 6 0.73 -0.78 -0.95
CA VAL A 6 1.97 -0.01 -0.90
C VAL A 6 2.59 -0.08 0.49
N GLY A 7 1.76 -0.26 1.51
CA GLY A 7 2.25 -0.33 2.87
C GLY A 7 2.87 -1.67 3.18
N HIS A 8 2.52 -2.68 2.40
CA HIS A 8 3.05 -4.03 2.60
C HIS A 8 4.36 -4.22 1.83
N LEU A 9 4.44 -3.64 0.65
CA LEU A 9 5.62 -3.74 -0.19
C LEU A 9 6.65 -2.67 0.18
N MET A 10 6.25 -1.41 0.07
CA MET A 10 7.13 -0.30 0.40
C MET A 10 6.97 0.11 1.86
N GLY A 1 -3.49 6.89 0.13
CA GLY A 1 -4.82 7.07 -0.40
C GLY A 1 -5.10 6.19 -1.60
N ASN A 2 -6.13 5.36 -1.52
CA ASN A 2 -6.48 4.46 -2.61
C ASN A 2 -5.33 3.52 -2.93
N HIS A 3 -4.63 3.05 -1.90
CA HIS A 3 -3.51 2.15 -2.08
C HIS A 3 -2.99 1.65 -0.73
N TRP A 4 -3.28 0.39 -0.43
CA TRP A 4 -2.85 -0.21 0.84
C TRP A 4 -1.71 -1.19 0.60
N ALA A 5 -1.68 -1.79 -0.58
CA ALA A 5 -0.63 -2.75 -0.92
C ALA A 5 0.75 -2.10 -0.85
N VAL A 6 0.80 -0.79 -1.03
CA VAL A 6 2.05 -0.05 -0.99
C VAL A 6 2.65 -0.08 0.41
N GLY A 7 1.80 -0.20 1.41
CA GLY A 7 2.27 -0.24 2.78
C GLY A 7 2.52 -1.65 3.28
N HIS A 8 2.67 -2.58 2.35
CA HIS A 8 2.92 -3.97 2.69
C HIS A 8 4.26 -4.45 2.12
N LEU A 9 4.60 -3.94 0.93
CA LEU A 9 5.85 -4.32 0.28
C LEU A 9 6.94 -3.28 0.57
N MET A 10 6.68 -2.04 0.18
CA MET A 10 7.64 -0.97 0.39
C MET A 10 6.99 0.21 1.14
N GLY A 1 -6.60 8.46 -0.34
CA GLY A 1 -5.64 7.71 -1.13
C GLY A 1 -6.06 6.26 -1.35
N ASN A 2 -6.06 5.83 -2.60
CA ASN A 2 -6.44 4.46 -2.93
C ASN A 2 -5.21 3.59 -3.16
N HIS A 3 -4.61 3.11 -2.07
CA HIS A 3 -3.43 2.27 -2.16
C HIS A 3 -3.03 1.75 -0.78
N TRP A 4 -3.28 0.47 -0.54
CA TRP A 4 -2.95 -0.16 0.73
C TRP A 4 -1.78 -1.12 0.59
N ALA A 5 -1.76 -1.85 -0.52
CA ALA A 5 -0.69 -2.81 -0.79
C ALA A 5 0.68 -2.14 -0.68
N VAL A 6 0.73 -0.85 -0.96
CA VAL A 6 1.97 -0.09 -0.89
C VAL A 6 2.58 -0.15 0.51
N GLY A 7 1.72 -0.29 1.52
CA GLY A 7 2.20 -0.36 2.88
C GLY A 7 2.87 -1.69 3.20
N HIS A 8 2.56 -2.71 2.40
CA HIS A 8 3.14 -4.03 2.60
C HIS A 8 4.51 -4.13 1.94
N LEU A 9 4.71 -3.35 0.88
CA LEU A 9 5.98 -3.34 0.16
C LEU A 9 6.93 -2.30 0.73
N MET A 10 6.41 -1.09 0.93
CA MET A 10 7.22 0.00 1.47
C MET A 10 6.96 0.17 2.97
N GLY A 1 -9.79 3.77 0.63
CA GLY A 1 -8.42 3.32 0.40
C GLY A 1 -7.99 3.48 -1.04
N ASN A 2 -6.92 4.25 -1.25
CA ASN A 2 -6.41 4.48 -2.60
C ASN A 2 -5.31 3.48 -2.94
N HIS A 3 -4.55 3.08 -1.93
CA HIS A 3 -3.47 2.12 -2.12
C HIS A 3 -2.95 1.62 -0.79
N TRP A 4 -3.32 0.39 -0.43
CA TRP A 4 -2.88 -0.20 0.83
C TRP A 4 -1.72 -1.16 0.61
N ALA A 5 -1.70 -1.80 -0.56
CA ALA A 5 -0.64 -2.75 -0.90
C ALA A 5 0.72 -2.09 -0.82
N VAL A 6 0.76 -0.77 -1.00
CA VAL A 6 2.00 -0.03 -0.95
C VAL A 6 2.63 -0.08 0.44
N GLY A 7 1.78 -0.23 1.46
CA GLY A 7 2.27 -0.30 2.82
C GLY A 7 2.83 -1.66 3.17
N HIS A 8 2.43 -2.67 2.40
CA HIS A 8 2.91 -4.04 2.63
C HIS A 8 4.32 -4.21 2.09
N LEU A 9 4.63 -3.55 0.98
CA LEU A 9 5.94 -3.63 0.36
C LEU A 9 6.84 -2.49 0.84
N MET A 10 6.40 -1.27 0.59
CA MET A 10 7.16 -0.08 1.00
C MET A 10 6.61 0.49 2.30
N GLY A 1 -7.08 7.87 0.57
CA GLY A 1 -6.07 7.19 -0.21
C GLY A 1 -6.63 5.99 -0.96
N ASN A 2 -5.95 5.60 -2.04
CA ASN A 2 -6.38 4.46 -2.83
C ASN A 2 -5.21 3.51 -3.09
N HIS A 3 -4.56 3.07 -2.02
CA HIS A 3 -3.43 2.16 -2.14
C HIS A 3 -3.01 1.65 -0.76
N TRP A 4 -3.31 0.39 -0.48
CA TRP A 4 -2.97 -0.21 0.80
C TRP A 4 -1.79 -1.17 0.64
N ALA A 5 -1.71 -1.82 -0.51
CA ALA A 5 -0.63 -2.76 -0.79
C ALA A 5 0.73 -2.07 -0.73
N VAL A 6 0.74 -0.77 -0.97
CA VAL A 6 1.97 0.00 -0.94
C VAL A 6 2.62 -0.05 0.44
N GLY A 7 1.80 -0.20 1.46
CA GLY A 7 2.31 -0.27 2.81
C GLY A 7 2.58 -1.69 3.27
N HIS A 8 2.74 -2.60 2.31
CA HIS A 8 3.00 -3.99 2.62
C HIS A 8 4.31 -4.46 1.98
N LEU A 9 4.58 -3.96 0.78
CA LEU A 9 5.79 -4.32 0.06
C LEU A 9 6.93 -3.37 0.39
N MET A 10 6.60 -2.09 0.52
CA MET A 10 7.59 -1.07 0.85
C MET A 10 7.84 -1.01 2.35
N GLY A 1 -6.26 7.92 -2.15
CA GLY A 1 -6.59 7.01 -3.23
C GLY A 1 -6.51 5.56 -2.79
N ASN A 2 -6.58 4.65 -3.76
CA ASN A 2 -6.51 3.22 -3.49
C ASN A 2 -5.07 2.76 -3.34
N HIS A 3 -4.50 2.95 -2.16
CA HIS A 3 -3.13 2.55 -1.89
C HIS A 3 -3.02 1.82 -0.56
N TRP A 4 -3.20 0.50 -0.61
CA TRP A 4 -3.12 -0.33 0.60
C TRP A 4 -1.90 -1.23 0.56
N ALA A 5 -1.76 -2.00 -0.52
CA ALA A 5 -0.64 -2.90 -0.68
C ALA A 5 0.68 -2.15 -0.63
N VAL A 6 0.64 -0.87 -0.98
CA VAL A 6 1.84 -0.03 -0.98
C VAL A 6 2.50 -0.02 0.40
N GLY A 7 1.71 -0.27 1.43
CA GLY A 7 2.23 -0.28 2.78
C GLY A 7 2.58 -1.67 3.25
N HIS A 8 2.82 -2.58 2.30
CA HIS A 8 3.17 -3.96 2.62
C HIS A 8 4.52 -4.33 2.02
N LEU A 9 4.81 -3.78 0.85
CA LEU A 9 6.07 -4.05 0.17
C LEU A 9 7.04 -2.88 0.32
N MET A 10 6.54 -1.67 0.06
CA MET A 10 7.36 -0.46 0.17
C MET A 10 7.40 0.03 1.61
N GLY A 1 -3.59 6.83 0.59
CA GLY A 1 -4.71 7.10 -0.31
C GLY A 1 -5.39 5.83 -0.77
N ASN A 2 -5.67 5.75 -2.07
CA ASN A 2 -6.32 4.58 -2.63
C ASN A 2 -5.31 3.50 -2.98
N HIS A 3 -4.56 3.05 -1.98
CA HIS A 3 -3.55 2.02 -2.19
C HIS A 3 -2.94 1.58 -0.86
N TRP A 4 -3.36 0.41 -0.39
CA TRP A 4 -2.86 -0.13 0.87
C TRP A 4 -1.70 -1.10 0.64
N ALA A 5 -1.72 -1.74 -0.53
CA ALA A 5 -0.66 -2.70 -0.88
C ALA A 5 0.71 -2.05 -0.81
N VAL A 6 0.75 -0.74 -0.98
CA VAL A 6 2.01 0.01 -0.94
C VAL A 6 2.62 -0.04 0.45
N GLY A 7 1.79 -0.23 1.47
CA GLY A 7 2.27 -0.30 2.83
C GLY A 7 2.54 -1.72 3.28
N HIS A 8 2.73 -2.62 2.32
CA HIS A 8 3.00 -4.02 2.62
C HIS A 8 4.35 -4.46 2.05
N LEU A 9 4.67 -3.94 0.87
CA LEU A 9 5.93 -4.28 0.22
C LEU A 9 6.98 -3.21 0.49
N MET A 10 6.69 -1.98 0.08
CA MET A 10 7.60 -0.87 0.28
C MET A 10 6.99 0.20 1.19
N GLY A 1 -9.50 5.52 -0.35
CA GLY A 1 -8.10 5.30 -0.65
C GLY A 1 -7.87 4.08 -1.51
N ASN A 2 -6.94 4.19 -2.46
CA ASN A 2 -6.63 3.07 -3.35
C ASN A 2 -5.15 2.69 -3.26
N HIS A 3 -4.59 2.83 -2.06
CA HIS A 3 -3.19 2.49 -1.83
C HIS A 3 -3.01 1.76 -0.51
N TRP A 4 -3.17 0.44 -0.54
CA TRP A 4 -3.03 -0.37 0.66
C TRP A 4 -1.80 -1.27 0.57
N ALA A 5 -1.67 -1.97 -0.55
CA ALA A 5 -0.53 -2.87 -0.76
C ALA A 5 0.78 -2.10 -0.72
N VAL A 6 0.72 -0.80 -1.03
CA VAL A 6 1.91 0.04 -1.03
C VAL A 6 2.57 0.04 0.34
N GLY A 7 1.79 -0.22 1.38
CA GLY A 7 2.32 -0.24 2.73
C GLY A 7 2.85 -1.62 3.11
N HIS A 8 2.40 -2.65 2.41
CA HIS A 8 2.84 -4.01 2.68
C HIS A 8 4.23 -4.26 2.10
N LEU A 9 4.48 -3.70 0.93
CA LEU A 9 5.77 -3.87 0.26
C LEU A 9 6.80 -2.87 0.80
N MET A 10 6.46 -1.59 0.74
CA MET A 10 7.34 -0.54 1.22
C MET A 10 7.56 -0.67 2.73
N GLY A 1 -9.49 2.83 0.43
CA GLY A 1 -8.07 3.10 0.36
C GLY A 1 -7.57 3.20 -1.07
N ASN A 2 -6.92 4.30 -1.40
CA ASN A 2 -6.38 4.51 -2.74
C ASN A 2 -5.28 3.50 -3.05
N HIS A 3 -4.59 3.04 -2.01
CA HIS A 3 -3.52 2.08 -2.18
C HIS A 3 -2.98 1.62 -0.82
N TRP A 4 -3.34 0.40 -0.43
CA TRP A 4 -2.90 -0.15 0.84
C TRP A 4 -1.74 -1.12 0.64
N ALA A 5 -1.70 -1.77 -0.51
CA ALA A 5 -0.64 -2.72 -0.83
C ALA A 5 0.73 -2.06 -0.77
N VAL A 6 0.75 -0.75 -0.98
CA VAL A 6 2.01 0.01 -0.94
C VAL A 6 2.64 -0.06 0.44
N GLY A 7 1.81 -0.21 1.48
CA GLY A 7 2.31 -0.28 2.83
C GLY A 7 2.57 -1.71 3.27
N HIS A 8 2.72 -2.61 2.31
CA HIS A 8 2.96 -4.02 2.60
C HIS A 8 4.31 -4.46 2.02
N LEU A 9 4.67 -3.89 0.88
CA LEU A 9 5.93 -4.23 0.22
C LEU A 9 7.04 -3.25 0.62
N MET A 10 6.85 -1.99 0.30
CA MET A 10 7.83 -0.96 0.63
C MET A 10 8.16 -0.98 2.11
N GLY A 1 -5.79 5.40 2.03
CA GLY A 1 -6.12 6.06 0.78
C GLY A 1 -6.52 5.08 -0.31
N ASN A 2 -6.06 5.34 -1.53
CA ASN A 2 -6.37 4.47 -2.66
C ASN A 2 -5.21 3.53 -2.96
N HIS A 3 -4.52 3.10 -1.92
CA HIS A 3 -3.39 2.19 -2.07
C HIS A 3 -2.95 1.63 -0.72
N TRP A 4 -3.29 0.37 -0.46
CA TRP A 4 -2.93 -0.27 0.80
C TRP A 4 -1.74 -1.22 0.60
N ALA A 5 -1.70 -1.86 -0.56
CA ALA A 5 -0.62 -2.80 -0.87
C ALA A 5 0.73 -2.11 -0.79
N VAL A 6 0.74 -0.80 -1.00
CA VAL A 6 1.98 -0.02 -0.95
C VAL A 6 2.62 -0.09 0.43
N GLY A 7 1.78 -0.19 1.45
CA GLY A 7 2.27 -0.26 2.82
C GLY A 7 2.83 -1.62 3.17
N HIS A 8 2.43 -2.63 2.41
CA HIS A 8 2.89 -4.00 2.64
C HIS A 8 4.27 -4.21 2.02
N LEU A 9 4.52 -3.53 0.91
CA LEU A 9 5.81 -3.64 0.22
C LEU A 9 6.79 -2.58 0.70
N MET A 10 6.39 -1.31 0.57
CA MET A 10 7.24 -0.20 0.99
C MET A 10 6.91 0.21 2.42
N GLY A 1 -8.51 1.36 0.55
CA GLY A 1 -8.05 2.72 0.31
C GLY A 1 -7.48 2.90 -1.08
N ASN A 2 -6.99 4.11 -1.35
CA ASN A 2 -6.41 4.41 -2.65
C ASN A 2 -5.27 3.45 -2.98
N HIS A 3 -4.55 3.02 -1.96
CA HIS A 3 -3.44 2.10 -2.14
C HIS A 3 -2.93 1.58 -0.80
N TRP A 4 -3.33 0.37 -0.44
CA TRP A 4 -2.92 -0.24 0.82
C TRP A 4 -1.72 -1.17 0.62
N ALA A 5 -1.69 -1.83 -0.53
CA ALA A 5 -0.60 -2.75 -0.85
C ALA A 5 0.75 -2.05 -0.78
N VAL A 6 0.74 -0.74 -0.97
CA VAL A 6 1.97 0.06 -0.93
C VAL A 6 2.64 -0.05 0.44
N GLY A 7 1.83 -0.17 1.48
CA GLY A 7 2.36 -0.28 2.83
C GLY A 7 2.90 -1.66 3.13
N HIS A 8 2.38 -2.67 2.42
CA HIS A 8 2.83 -4.04 2.62
C HIS A 8 4.19 -4.27 1.98
N LEU A 9 4.41 -3.63 0.84
CA LEU A 9 5.67 -3.76 0.12
C LEU A 9 6.68 -2.71 0.59
N MET A 10 6.29 -1.45 0.51
CA MET A 10 7.15 -0.35 0.94
C MET A 10 6.45 0.54 1.95
N GLY A 1 -8.60 1.70 -0.05
CA GLY A 1 -8.53 3.09 -0.44
C GLY A 1 -7.79 3.29 -1.75
N ASN A 2 -6.95 4.32 -1.80
CA ASN A 2 -6.17 4.61 -3.00
C ASN A 2 -5.10 3.54 -3.24
N HIS A 3 -4.47 3.11 -2.16
CA HIS A 3 -3.42 2.09 -2.25
C HIS A 3 -2.99 1.64 -0.86
N TRP A 4 -3.39 0.41 -0.50
CA TRP A 4 -3.05 -0.15 0.80
C TRP A 4 -1.88 -1.11 0.68
N ALA A 5 -1.77 -1.77 -0.46
CA ALA A 5 -0.69 -2.72 -0.70
C ALA A 5 0.67 -2.04 -0.64
N VAL A 6 0.69 -0.74 -0.92
CA VAL A 6 1.93 0.03 -0.89
C VAL A 6 2.58 -0.04 0.48
N GLY A 7 1.79 -0.27 1.52
CA GLY A 7 2.30 -0.36 2.86
C GLY A 7 2.64 -1.78 3.27
N HIS A 8 2.83 -2.64 2.28
CA HIS A 8 3.14 -4.04 2.54
C HIS A 8 4.49 -4.41 1.92
N LEU A 9 4.79 -3.81 0.77
CA LEU A 9 6.04 -4.08 0.07
C LEU A 9 7.09 -3.03 0.42
N MET A 10 6.81 -1.78 0.08
CA MET A 10 7.74 -0.68 0.35
C MET A 10 7.86 -0.45 1.86
N GLY A 1 -8.72 6.12 0.26
CA GLY A 1 -7.49 6.14 -0.52
C GLY A 1 -7.31 4.86 -1.32
N ASN A 2 -6.72 5.00 -2.51
CA ASN A 2 -6.50 3.86 -3.38
C ASN A 2 -5.05 3.37 -3.28
N HIS A 3 -4.64 3.00 -2.08
CA HIS A 3 -3.28 2.53 -1.85
C HIS A 3 -3.19 1.76 -0.53
N TRP A 4 -3.14 0.44 -0.62
CA TRP A 4 -3.05 -0.40 0.57
C TRP A 4 -1.79 -1.26 0.54
N ALA A 5 -1.64 -2.03 -0.54
CA ALA A 5 -0.48 -2.90 -0.69
C ALA A 5 0.81 -2.10 -0.64
N VAL A 6 0.73 -0.83 -1.01
CA VAL A 6 1.90 0.05 -1.01
C VAL A 6 2.59 0.04 0.34
N GLY A 7 1.82 -0.23 1.40
CA GLY A 7 2.38 -0.26 2.74
C GLY A 7 2.94 -1.62 3.10
N HIS A 8 2.41 -2.66 2.47
CA HIS A 8 2.86 -4.03 2.73
C HIS A 8 4.20 -4.29 2.05
N LEU A 9 4.45 -3.60 0.95
CA LEU A 9 5.69 -3.77 0.22
C LEU A 9 6.71 -2.71 0.62
N MET A 10 6.32 -1.44 0.54
CA MET A 10 7.18 -0.34 0.91
C MET A 10 6.99 0.05 2.37
N GLY A 1 -9.07 1.77 0.36
CA GLY A 1 -8.36 3.03 0.19
C GLY A 1 -7.80 3.20 -1.21
N ASN A 2 -7.02 4.25 -1.41
CA ASN A 2 -6.42 4.52 -2.71
C ASN A 2 -5.34 3.49 -3.03
N HIS A 3 -4.62 3.06 -2.00
CA HIS A 3 -3.56 2.08 -2.17
C HIS A 3 -3.01 1.63 -0.82
N TRP A 4 -3.32 0.41 -0.43
CA TRP A 4 -2.87 -0.14 0.84
C TRP A 4 -1.71 -1.11 0.63
N ALA A 5 -1.70 -1.77 -0.53
CA ALA A 5 -0.64 -2.72 -0.86
C ALA A 5 0.73 -2.06 -0.78
N VAL A 6 0.77 -0.75 -0.99
CA VAL A 6 2.02 -0.01 -0.94
C VAL A 6 2.65 -0.06 0.45
N GLY A 7 1.81 -0.22 1.46
CA GLY A 7 2.29 -0.29 2.83
C GLY A 7 2.56 -1.71 3.27
N HIS A 8 2.72 -2.62 2.32
CA HIS A 8 2.98 -4.02 2.63
C HIS A 8 4.32 -4.47 2.05
N LEU A 9 4.65 -3.96 0.87
CA LEU A 9 5.91 -4.29 0.21
C LEU A 9 6.99 -3.29 0.56
N MET A 10 6.80 -2.05 0.12
CA MET A 10 7.77 -0.99 0.38
C MET A 10 7.07 0.33 0.68
#